data_5QPX
#
_entry.id   5QPX
#
_cell.length_a   57.917
_cell.length_b   57.917
_cell.length_c   395.051
_cell.angle_alpha   90.000
_cell.angle_beta   90.000
_cell.angle_gamma   120.000
#
_symmetry.space_group_name_H-M   'P 61 2 2'
#
loop_
_entity.id
_entity.type
_entity.pdbx_description
1 polymer 'Farnesyl diphosphate synthase'
2 non-polymer 'SULFATE ION'
3 non-polymer 'ACETATE ION'
4 non-polymer 'ZINC ION'
5 non-polymer ~{N}-quinolin-6-ylbenzamide
6 water water
#
_entity_poly.entity_id   1
_entity_poly.type   'polypeptide(L)'
_entity_poly.pdbx_seq_one_letter_code
;GPMASMERFLSVYDEVQAFLLDQLQSKYEIDPNRARYLRIMMDTTCLGGKYFRGMTVVNVAEGFLAVTQHDEATKERILH
DACVGGWMIEFLQAHYLVEDDIMDGSVMRRGKPCWYRFPGVTTQCAINDGIILKSWTQIMAWHYFADRPFLKDLLCLFQK
VDYATAVGQMYDVTSMCDSNKLDPEVAQPMTTDFAEFTPAIYKRIVKYKTTFYTYLLPLVMGLLVSEAAASVEMNLVERV
AHLIGEYFQVQDDVMDCFTPPEQLGKVGTDIEDAKCSWLAVTFLGKANAAQVAEFKANYGEKDPAKVAVVKRLYSKANLQ
ADFAAYEAEVVREVESLIEQLKVKSPTFAESVAVVWEKTHKRKK
;
_entity_poly.pdbx_strand_id   A
#
loop_
_chem_comp.id
_chem_comp.type
_chem_comp.name
_chem_comp.formula
ACT non-polymer 'ACETATE ION' 'C2 H3 O2 -1'
LWD non-polymer ~{N}-quinolin-6-ylbenzamide 'C16 H12 N2 O'
SO4 non-polymer 'SULFATE ION' 'O4 S -2'
ZN non-polymer 'ZINC ION' 'Zn 2'
#
# COMPACT_ATOMS: atom_id res chain seq x y z
N MET A 3 -7.06 -15.46 -15.88
CA MET A 3 -6.14 -14.36 -16.20
C MET A 3 -6.36 -13.69 -17.57
N ALA A 4 -7.52 -13.93 -18.20
CA ALA A 4 -8.04 -13.01 -19.19
C ALA A 4 -8.05 -11.64 -18.54
N SER A 5 -8.46 -11.58 -17.26
CA SER A 5 -8.48 -10.32 -16.52
C SER A 5 -7.15 -9.63 -16.43
N MET A 6 -6.14 -10.40 -16.08
CA MET A 6 -4.77 -9.88 -16.00
C MET A 6 -4.31 -9.39 -17.37
N GLU A 7 -4.64 -10.15 -18.43
CA GLU A 7 -4.29 -9.75 -19.79
C GLU A 7 -4.84 -8.41 -20.19
N ARG A 8 -6.11 -8.19 -19.87
CA ARG A 8 -6.73 -6.97 -20.16
C ARG A 8 -6.08 -5.80 -19.34
N PHE A 9 -5.81 -6.10 -18.08
CA PHE A 9 -5.15 -5.13 -17.20
C PHE A 9 -3.79 -4.64 -17.76
N LEU A 10 -2.97 -5.58 -18.12
CA LEU A 10 -1.64 -5.27 -18.59
C LEU A 10 -1.65 -4.63 -20.01
N SER A 11 -2.62 -4.99 -20.86
CA SER A 11 -2.82 -4.28 -22.12
C SER A 11 -3.21 -2.82 -21.99
N VAL A 12 -4.02 -2.52 -20.97
CA VAL A 12 -4.43 -1.16 -20.73
C VAL A 12 -3.19 -0.38 -20.26
N TYR A 13 -2.26 -1.04 -19.54
CA TYR A 13 -1.00 -0.35 -19.25
C TYR A 13 -0.33 0.20 -20.52
N ASP A 14 -0.16 -0.64 -21.52
CA ASP A 14 0.45 -0.21 -22.76
C ASP A 14 -0.30 0.93 -23.42
N GLU A 15 -1.64 0.86 -23.39
CA GLU A 15 -2.40 1.95 -23.91
C GLU A 15 -2.21 3.26 -23.17
N VAL A 16 -2.38 3.21 -21.85
CA VAL A 16 -2.19 4.40 -20.99
C VAL A 16 -0.75 4.95 -21.21
N GLN A 17 0.28 4.09 -21.21
CA GLN A 17 1.66 4.57 -21.44
C GLN A 17 1.82 5.33 -22.77
N ALA A 18 1.24 4.76 -23.85
CA ALA A 18 1.30 5.32 -25.18
C ALA A 18 0.53 6.66 -25.17
N PHE A 19 -0.63 6.71 -24.52
CA PHE A 19 -1.39 7.94 -24.36
C PHE A 19 -0.60 9.02 -23.66
N LEU A 20 0.04 8.63 -22.55
CA LEU A 20 0.77 9.64 -21.81
C LEU A 20 1.97 10.19 -22.56
N LEU A 21 2.76 9.31 -23.16
CA LEU A 21 3.99 9.70 -23.88
C LEU A 21 3.60 10.50 -25.17
N ASP A 22 2.58 10.03 -25.88
CA ASP A 22 2.06 10.73 -27.08
C ASP A 22 1.65 12.17 -26.75
N GLN A 23 0.94 12.38 -25.64
CA GLN A 23 0.50 13.63 -25.15
C GLN A 23 1.72 14.46 -24.81
N LEU A 24 2.77 13.85 -24.22
CA LEU A 24 3.97 14.63 -23.85
C LEU A 24 4.63 15.29 -25.10
N GLN A 25 4.63 14.51 -26.17
CA GLN A 25 5.08 14.96 -27.48
C GLN A 25 4.16 16.01 -28.10
N SER A 26 2.87 15.80 -28.09
CA SER A 26 1.97 16.70 -28.81
C SER A 26 1.65 17.98 -28.07
N LYS A 27 1.63 17.96 -26.73
CA LYS A 27 1.26 19.13 -25.96
C LYS A 27 2.32 19.67 -25.02
N TYR A 28 3.34 18.88 -24.72
CA TYR A 28 4.40 19.29 -23.74
C TYR A 28 5.79 19.46 -24.34
N GLU A 29 5.85 19.47 -25.67
CA GLU A 29 7.07 19.75 -26.39
C GLU A 29 8.24 18.80 -26.01
N ILE A 30 7.95 17.55 -25.62
CA ILE A 30 9.02 16.65 -25.19
C ILE A 30 9.70 16.14 -26.38
N ASP A 31 10.97 15.84 -26.17
CA ASP A 31 11.81 15.27 -27.18
C ASP A 31 11.88 13.74 -26.96
N PRO A 32 12.35 12.97 -27.96
CA PRO A 32 12.37 11.53 -27.83
C PRO A 32 13.23 10.99 -26.69
N ASN A 33 14.36 11.59 -26.38
CA ASN A 33 15.21 11.05 -25.37
C ASN A 33 14.58 11.18 -23.94
N ARG A 34 13.95 12.30 -23.69
CA ARG A 34 13.24 12.50 -22.47
C ARG A 34 12.02 11.67 -22.38
N ALA A 35 11.37 11.42 -23.53
CA ALA A 35 10.24 10.49 -23.57
C ALA A 35 10.63 9.05 -23.22
N ARG A 36 11.80 8.64 -23.70
CA ARG A 36 12.32 7.36 -23.43
C ARG A 36 12.72 7.26 -21.94
N TYR A 37 13.38 8.30 -21.41
CA TYR A 37 13.68 8.28 -19.98
C TYR A 37 12.35 8.05 -19.15
N LEU A 38 11.29 8.78 -19.44
CA LEU A 38 10.05 8.57 -18.72
C LEU A 38 9.36 7.26 -18.91
N ARG A 39 9.44 6.71 -20.12
CA ARG A 39 8.93 5.38 -20.43
C ARG A 39 9.62 4.38 -19.59
N ILE A 40 10.95 4.48 -19.52
CA ILE A 40 11.74 3.61 -18.61
C ILE A 40 11.40 3.79 -17.14
N MET A 41 11.24 5.05 -16.71
CA MET A 41 10.86 5.36 -15.35
C MET A 41 9.53 4.71 -14.99
N MET A 42 8.55 4.88 -15.88
CA MET A 42 7.23 4.32 -15.71
C MET A 42 7.31 2.80 -15.56
N ASP A 43 7.94 2.12 -16.48
CA ASP A 43 8.07 0.71 -16.39
C ASP A 43 8.75 0.22 -15.09
N THR A 44 9.88 0.86 -14.74
CA THR A 44 10.66 0.42 -13.64
C THR A 44 9.97 0.58 -12.33
N THR A 45 9.12 1.61 -12.21
CA THR A 45 8.48 1.95 -10.98
C THR A 45 7.05 1.36 -10.82
N CYS A 46 6.42 1.07 -11.93
CA CYS A 46 5.05 0.63 -11.98
C CYS A 46 4.83 -0.84 -12.28
N LEU A 47 5.80 -1.51 -12.88
CA LEU A 47 5.71 -2.87 -13.25
C LEU A 47 6.58 -3.77 -12.39
N GLY A 48 6.19 -5.00 -12.30
CA GLY A 48 7.00 -6.05 -11.65
C GLY A 48 6.47 -6.54 -10.32
N GLY A 49 5.46 -5.90 -9.79
CA GLY A 49 4.71 -6.43 -8.62
C GLY A 49 3.60 -7.41 -8.98
N LYS A 50 2.71 -7.67 -8.04
CA LYS A 50 1.64 -8.61 -8.28
C LYS A 50 0.34 -7.94 -8.84
N TYR A 51 0.24 -6.63 -8.73
CA TYR A 51 -0.87 -5.88 -9.30
C TYR A 51 -2.10 -6.17 -8.46
N PHE A 52 -1.86 -6.51 -7.21
CA PHE A 52 -2.98 -6.76 -6.30
C PHE A 52 -4.01 -5.60 -6.24
N ARG A 53 -3.55 -4.38 -6.07
CA ARG A 53 -4.42 -3.24 -5.84
C ARG A 53 -5.17 -2.98 -7.13
N GLY A 54 -4.46 -2.92 -8.26
CA GLY A 54 -5.13 -2.64 -9.55
C GLY A 54 -6.09 -3.77 -9.90
N MET A 55 -5.66 -5.01 -9.76
CA MET A 55 -6.52 -6.14 -10.12
C MET A 55 -7.74 -6.23 -9.18
N THR A 56 -7.69 -5.67 -7.96
CA THR A 56 -8.85 -5.72 -7.10
C THR A 56 -10.00 -4.87 -7.78
N VAL A 57 -9.64 -3.71 -8.33
CA VAL A 57 -10.63 -2.87 -9.03
C VAL A 57 -11.29 -3.72 -10.16
N VAL A 58 -10.44 -4.41 -10.91
CA VAL A 58 -10.91 -5.24 -12.03
C VAL A 58 -11.81 -6.35 -11.49
N ASN A 59 -11.34 -7.03 -10.46
CA ASN A 59 -12.17 -8.14 -9.90
C ASN A 59 -13.53 -7.71 -9.37
N VAL A 60 -13.60 -6.56 -8.70
CA VAL A 60 -14.83 -6.04 -8.08
C VAL A 60 -15.76 -5.78 -9.29
N ALA A 61 -15.23 -5.08 -10.34
CA ALA A 61 -16.07 -4.77 -11.55
C ALA A 61 -16.54 -6.05 -12.27
N GLU A 62 -15.67 -7.06 -12.38
CA GLU A 62 -16.07 -8.32 -13.04
C GLU A 62 -17.21 -9.05 -12.32
N GLY A 63 -17.20 -8.95 -10.99
CA GLY A 63 -18.24 -9.59 -10.19
C GLY A 63 -19.57 -8.88 -10.48
N PHE A 64 -19.61 -7.55 -10.52
CA PHE A 64 -20.87 -6.87 -10.89
C PHE A 64 -21.31 -7.14 -12.33
N LEU A 65 -20.34 -7.29 -13.23
CA LEU A 65 -20.66 -7.59 -14.62
C LEU A 65 -21.32 -8.94 -14.74
N ALA A 66 -21.00 -9.89 -13.87
CA ALA A 66 -21.62 -11.19 -13.97
C ALA A 66 -23.06 -11.19 -13.56
N VAL A 67 -23.53 -10.15 -12.89
CA VAL A 67 -24.90 -10.13 -12.38
C VAL A 67 -25.72 -8.96 -12.80
N THR A 68 -25.20 -8.19 -13.77
CA THR A 68 -25.82 -6.92 -14.15
C THR A 68 -26.04 -6.94 -15.68
N GLN A 69 -27.20 -6.45 -16.12
CA GLN A 69 -27.50 -6.51 -17.54
C GLN A 69 -26.90 -5.30 -18.26
N HIS A 70 -26.11 -5.58 -19.30
CA HIS A 70 -25.47 -4.52 -20.09
C HIS A 70 -25.30 -4.98 -21.56
N ASP A 71 -25.27 -4.02 -22.49
CA ASP A 71 -24.78 -4.25 -23.87
C ASP A 71 -23.29 -4.69 -23.72
N GLU A 72 -22.83 -5.50 -24.66
CA GLU A 72 -21.43 -5.84 -24.77
C GLU A 72 -20.51 -4.65 -24.77
N ALA A 73 -20.83 -3.62 -25.55
CA ALA A 73 -20.00 -2.41 -25.61
C ALA A 73 -19.90 -1.76 -24.22
N THR A 74 -20.95 -1.87 -23.46
CA THR A 74 -20.94 -1.36 -22.09
C THR A 74 -20.07 -2.20 -21.18
N LYS A 75 -20.16 -3.51 -21.30
CA LYS A 75 -19.28 -4.39 -20.57
C LYS A 75 -17.78 -4.06 -20.79
N GLU A 76 -17.41 -3.91 -22.05
CA GLU A 76 -16.09 -3.53 -22.40
C GLU A 76 -15.69 -2.17 -21.82
N ARG A 77 -16.59 -1.15 -21.84
CA ARG A 77 -16.33 0.15 -21.29
C ARG A 77 -16.06 0.05 -19.76
N ILE A 78 -16.86 -0.77 -19.08
CA ILE A 78 -16.75 -0.91 -17.62
C ILE A 78 -15.42 -1.58 -17.30
N LEU A 79 -15.08 -2.68 -17.99
CA LEU A 79 -13.82 -3.35 -17.78
C LEU A 79 -12.63 -2.40 -18.06
N HIS A 80 -12.72 -1.63 -19.18
CA HIS A 80 -11.70 -0.61 -19.48
C HIS A 80 -11.54 0.43 -18.35
N ASP A 81 -12.64 0.92 -17.80
CA ASP A 81 -12.59 1.89 -16.77
C ASP A 81 -11.96 1.23 -15.52
N ALA A 82 -12.35 -0.02 -15.23
CA ALA A 82 -11.82 -0.67 -14.02
C ALA A 82 -10.27 -0.77 -14.16
N CYS A 83 -9.81 -1.14 -15.34
CA CYS A 83 -8.35 -1.24 -15.62
C CYS A 83 -7.67 0.12 -15.46
N VAL A 84 -8.24 1.17 -16.04
CA VAL A 84 -7.66 2.49 -15.91
C VAL A 84 -7.66 2.94 -14.43
N GLY A 85 -8.77 2.72 -13.77
CA GLY A 85 -8.81 2.97 -12.34
C GLY A 85 -7.77 2.15 -11.58
N GLY A 86 -7.60 0.89 -11.91
CA GLY A 86 -6.62 0.05 -11.24
C GLY A 86 -5.21 0.69 -11.42
N TRP A 87 -4.86 1.10 -12.63
CA TRP A 87 -3.58 1.75 -12.85
C TRP A 87 -3.43 3.09 -12.16
N MET A 88 -4.47 3.88 -12.00
CA MET A 88 -4.37 4.99 -11.13
C MET A 88 -3.83 4.55 -9.74
N ILE A 89 -4.30 3.42 -9.21
CA ILE A 89 -3.87 3.01 -7.83
C ILE A 89 -2.37 2.57 -7.87
N GLU A 90 -2.06 1.77 -8.85
CA GLU A 90 -0.67 1.32 -9.10
C GLU A 90 0.30 2.44 -9.25
N PHE A 91 -0.05 3.48 -10.00
CA PHE A 91 0.82 4.62 -10.17
C PHE A 91 0.88 5.41 -8.86
N LEU A 92 -0.22 5.44 -8.11
CA LEU A 92 -0.20 6.12 -6.80
C LEU A 92 0.75 5.37 -5.85
N GLN A 93 0.68 4.06 -5.90
CA GLN A 93 1.62 3.23 -5.15
C GLN A 93 3.05 3.52 -5.61
N ALA A 94 3.25 3.55 -6.91
CA ALA A 94 4.60 3.80 -7.42
C ALA A 94 5.21 5.13 -6.92
N HIS A 95 4.42 6.16 -6.96
CA HIS A 95 4.72 7.47 -6.37
C HIS A 95 5.27 7.31 -4.95
N TYR A 96 4.44 6.72 -4.12
CA TYR A 96 4.83 6.54 -2.71
C TYR A 96 6.07 5.67 -2.55
N LEU A 97 6.23 4.58 -3.31
CA LEU A 97 7.40 3.74 -3.11
C LEU A 97 8.67 4.50 -3.53
N VAL A 98 8.63 5.26 -4.67
CA VAL A 98 9.82 6.04 -5.13
C VAL A 98 10.19 7.03 -4.02
N GLU A 99 9.23 7.79 -3.49
CA GLU A 99 9.52 8.80 -2.56
C GLU A 99 9.95 8.18 -1.18
N ASP A 100 9.27 7.12 -0.76
CA ASP A 100 9.62 6.46 0.51
C ASP A 100 11.03 5.88 0.48
N ASP A 101 11.39 5.27 -0.64
CA ASP A 101 12.71 4.69 -0.80
C ASP A 101 13.79 5.79 -0.63
N ILE A 102 13.55 6.96 -1.19
CA ILE A 102 14.44 8.08 -1.03
C ILE A 102 14.44 8.56 0.42
N MET A 103 13.24 8.73 0.99
CA MET A 103 13.12 9.20 2.37
C MET A 103 13.92 8.30 3.33
N ASP A 104 13.83 7.00 3.13
CA ASP A 104 14.37 6.01 4.11
C ASP A 104 15.81 5.62 3.78
N GLY A 105 16.37 6.11 2.67
CA GLY A 105 17.62 5.58 2.12
C GLY A 105 17.69 4.11 1.83
N SER A 106 16.64 3.61 1.24
CA SER A 106 16.51 2.24 0.93
C SER A 106 17.41 1.88 -0.19
N VAL A 107 17.80 0.59 -0.20
CA VAL A 107 18.71 0.08 -1.19
C VAL A 107 18.06 -0.70 -2.33
N MET A 108 17.20 -1.62 -1.99
CA MET A 108 16.62 -2.54 -2.96
C MET A 108 15.11 -2.48 -2.75
N ARG A 109 14.40 -2.78 -3.81
CA ARG A 109 12.97 -3.08 -3.72
C ARG A 109 12.64 -4.10 -4.82
N ARG A 110 12.00 -5.21 -4.44
CA ARG A 110 11.69 -6.32 -5.37
C ARG A 110 12.98 -6.88 -6.01
N GLY A 111 13.98 -7.20 -5.19
CA GLY A 111 15.29 -7.70 -5.71
C GLY A 111 16.05 -6.81 -6.70
N LYS A 112 15.67 -5.53 -6.87
CA LYS A 112 16.32 -4.58 -7.83
C LYS A 112 16.57 -3.24 -7.11
N PRO A 113 17.53 -2.43 -7.58
CA PRO A 113 17.85 -1.21 -6.82
C PRO A 113 16.67 -0.28 -6.83
N CYS A 114 16.57 0.51 -5.79
CA CYS A 114 15.55 1.60 -5.74
C CYS A 114 15.81 2.53 -6.91
N TRP A 115 14.74 3.09 -7.45
CA TRP A 115 14.83 3.95 -8.62
C TRP A 115 15.89 5.11 -8.45
N TYR A 116 15.93 5.77 -7.28
CA TYR A 116 16.83 6.88 -7.11
C TYR A 116 18.30 6.43 -7.24
N ARG A 117 18.50 5.16 -7.05
CA ARG A 117 19.91 4.60 -7.07
C ARG A 117 20.39 4.24 -8.43
N PHE A 118 19.50 4.21 -9.43
CA PHE A 118 19.94 3.96 -10.79
C PHE A 118 21.00 5.04 -11.23
N PRO A 119 22.05 4.65 -11.95
CA PRO A 119 23.14 5.59 -12.16
C PRO A 119 22.79 6.93 -12.84
N GLY A 120 21.84 6.83 -13.78
CA GLY A 120 21.42 8.00 -14.53
C GLY A 120 20.17 8.66 -14.04
N VAL A 121 19.80 8.38 -12.81
CA VAL A 121 18.56 8.94 -12.20
C VAL A 121 19.02 9.97 -11.21
N THR A 122 19.48 9.50 -10.05
CA THR A 122 19.89 10.27 -8.90
C THR A 122 18.70 10.83 -8.13
N THR A 123 18.95 11.27 -6.89
CA THR A 123 17.86 11.76 -6.03
C THR A 123 17.26 12.98 -6.66
N GLN A 124 18.09 13.82 -7.26
CA GLN A 124 17.63 15.05 -7.88
C GLN A 124 16.48 14.81 -8.88
N CYS A 125 16.62 13.86 -9.75
CA CYS A 125 15.60 13.57 -10.72
C CYS A 125 14.51 12.67 -10.06
N ALA A 126 14.90 11.69 -9.22
CA ALA A 126 13.94 10.76 -8.67
C ALA A 126 12.81 11.37 -7.86
N ILE A 127 13.06 12.40 -7.07
CA ILE A 127 12.04 13.07 -6.27
C ILE A 127 10.98 13.57 -7.29
N ASN A 128 11.43 14.18 -8.37
CA ASN A 128 10.49 14.73 -9.43
C ASN A 128 9.85 13.66 -10.19
N ASP A 129 10.56 12.58 -10.49
CA ASP A 129 9.94 11.47 -11.13
C ASP A 129 8.76 10.95 -10.30
N GLY A 130 8.91 10.87 -8.99
CA GLY A 130 7.78 10.47 -8.19
C GLY A 130 6.61 11.39 -8.27
N ILE A 131 6.87 12.67 -8.31
CA ILE A 131 5.82 13.71 -8.43
C ILE A 131 5.08 13.41 -9.75
N ILE A 132 5.82 13.20 -10.82
CA ILE A 132 5.26 12.87 -12.12
C ILE A 132 4.36 11.68 -12.02
N LEU A 133 4.82 10.61 -11.41
CA LEU A 133 3.98 9.40 -11.17
C LEU A 133 2.55 9.68 -10.68
N LYS A 134 2.50 10.55 -9.72
CA LYS A 134 1.18 10.82 -9.10
C LYS A 134 0.44 11.75 -10.05
N SER A 135 1.07 12.73 -10.68
CA SER A 135 0.34 13.62 -11.66
C SER A 135 -0.22 12.79 -12.78
N TRP A 136 0.46 11.74 -13.23
CA TRP A 136 -0.09 10.82 -14.26
C TRP A 136 -1.44 10.20 -13.88
N THR A 137 -1.67 9.96 -12.60
CA THR A 137 -2.95 9.40 -12.15
C THR A 137 -4.05 10.38 -12.53
N GLN A 138 -3.84 11.68 -12.33
CA GLN A 138 -4.86 12.66 -12.60
C GLN A 138 -5.08 12.85 -14.09
N ILE A 139 -3.99 12.75 -14.84
CA ILE A 139 -4.06 12.92 -16.29
C ILE A 139 -4.87 11.72 -16.85
N MET A 140 -4.62 10.49 -16.38
CA MET A 140 -5.43 9.35 -16.71
C MET A 140 -6.93 9.58 -16.42
N ALA A 141 -7.21 10.03 -15.21
CA ALA A 141 -8.59 10.17 -14.79
C ALA A 141 -9.35 11.18 -15.67
N TRP A 142 -8.77 12.33 -15.89
CA TRP A 142 -9.45 13.41 -16.59
C TRP A 142 -9.63 13.02 -18.04
N HIS A 143 -8.66 12.33 -18.60
CA HIS A 143 -8.75 11.84 -20.01
C HIS A 143 -9.78 10.71 -20.18
N TYR A 144 -9.60 9.61 -19.46
CA TYR A 144 -10.44 8.44 -19.66
C TYR A 144 -11.83 8.59 -19.06
N PHE A 145 -11.96 9.39 -18.00
CA PHE A 145 -13.24 9.47 -17.31
C PHE A 145 -13.98 10.82 -17.49
N ALA A 146 -13.59 11.61 -18.50
CA ALA A 146 -14.12 12.98 -18.75
C ALA A 146 -15.63 12.98 -18.72
N ASP A 147 -16.21 12.03 -19.35
CA ASP A 147 -17.70 12.16 -19.42
C ASP A 147 -18.45 11.29 -18.37
N ARG A 148 -17.73 10.69 -17.43
CA ARG A 148 -18.31 9.65 -16.61
C ARG A 148 -19.06 10.19 -15.44
N PRO A 149 -20.18 9.60 -15.12
CA PRO A 149 -20.94 10.17 -14.00
C PRO A 149 -20.25 10.02 -12.63
N PHE A 150 -19.38 9.03 -12.53
CA PHE A 150 -18.55 8.76 -11.37
C PHE A 150 -17.30 9.60 -11.23
N LEU A 151 -16.99 10.43 -12.22
CA LEU A 151 -15.75 11.27 -12.16
C LEU A 151 -15.53 11.99 -10.88
N LYS A 152 -16.50 12.80 -10.47
CA LYS A 152 -16.40 13.57 -9.23
C LYS A 152 -16.12 12.68 -8.02
N ASP A 153 -16.96 11.65 -7.83
CA ASP A 153 -16.83 10.75 -6.68
C ASP A 153 -15.47 10.05 -6.68
N LEU A 154 -15.01 9.63 -7.85
CA LEU A 154 -13.73 8.95 -8.02
C LEU A 154 -12.56 9.92 -7.66
N LEU A 155 -12.58 11.11 -8.21
CA LEU A 155 -11.51 12.09 -7.88
C LEU A 155 -11.51 12.44 -6.42
N CYS A 156 -12.69 12.61 -5.80
CA CYS A 156 -12.75 13.05 -4.38
C CYS A 156 -12.18 11.87 -3.47
N LEU A 157 -12.57 10.67 -3.80
CA LEU A 157 -12.11 9.49 -3.05
C LEU A 157 -10.54 9.40 -3.16
N PHE A 158 -10.09 9.52 -4.43
CA PHE A 158 -8.68 9.37 -4.72
C PHE A 158 -7.88 10.35 -3.90
N GLN A 159 -8.33 11.58 -3.91
N GLN A 159 -8.29 11.62 -3.88
CA GLN A 159 -7.74 12.69 -3.24
CA GLN A 159 -7.60 12.65 -3.11
C GLN A 159 -7.67 12.48 -1.70
C GLN A 159 -7.58 12.31 -1.65
N LYS A 160 -8.74 11.93 -1.11
CA LYS A 160 -8.80 11.64 0.35
C LYS A 160 -7.84 10.46 0.76
N VAL A 161 -7.78 9.47 -0.09
CA VAL A 161 -6.90 8.31 0.07
C VAL A 161 -5.43 8.74 -0.01
N ASP A 162 -5.10 9.53 -1.05
CA ASP A 162 -3.80 10.17 -1.15
C ASP A 162 -3.39 10.90 0.07
N TYR A 163 -4.22 11.81 0.54
CA TYR A 163 -3.93 12.54 1.71
C TYR A 163 -3.77 11.64 2.98
N ALA A 164 -4.69 10.70 3.17
CA ALA A 164 -4.60 9.67 4.27
C ALA A 164 -3.20 9.03 4.23
N THR A 165 -2.76 8.60 3.04
CA THR A 165 -1.50 7.91 2.86
C THR A 165 -0.32 8.83 3.27
N ALA A 166 -0.38 10.08 2.87
CA ALA A 166 0.66 11.04 3.27
C ALA A 166 0.68 11.26 4.77
N VAL A 167 -0.48 11.40 5.35
CA VAL A 167 -0.56 11.54 6.85
C VAL A 167 -0.02 10.29 7.53
N GLY A 168 -0.30 9.13 6.96
CA GLY A 168 0.19 7.84 7.49
C GLY A 168 1.70 7.76 7.39
N GLN A 169 2.27 8.27 6.30
CA GLN A 169 3.72 8.34 6.13
C GLN A 169 4.34 9.21 7.21
N MET A 170 3.67 10.31 7.53
CA MET A 170 4.11 11.17 8.63
C MET A 170 4.09 10.45 9.99
N TYR A 171 2.97 9.75 10.26
CA TYR A 171 2.88 8.92 11.48
C TYR A 171 4.03 7.85 11.48
N ASP A 172 4.35 7.28 10.33
CA ASP A 172 5.38 6.26 10.27
C ASP A 172 6.78 6.84 10.53
N VAL A 173 7.08 7.96 9.91
CA VAL A 173 8.47 8.52 9.91
C VAL A 173 8.74 9.08 11.30
N THR A 174 7.67 9.45 12.00
CA THR A 174 7.78 10.02 13.35
C THR A 174 7.58 8.98 14.47
N SER A 175 7.48 7.68 14.14
CA SER A 175 6.99 6.67 15.07
C SER A 175 8.05 6.29 16.16
N MET A 176 9.29 6.69 15.96
CA MET A 176 10.32 6.44 16.98
C MET A 176 10.67 7.67 17.79
N CYS A 177 9.98 8.78 17.60
CA CYS A 177 10.16 10.00 18.32
C CYS A 177 9.16 10.02 19.49
N ASP A 178 9.44 10.78 20.52
CA ASP A 178 8.45 11.08 21.56
C ASP A 178 7.64 12.20 21.07
N SER A 179 6.30 12.05 21.06
CA SER A 179 5.44 13.10 20.51
C SER A 179 5.68 14.47 21.16
N ASN A 180 5.86 14.50 22.49
CA ASN A 180 5.98 15.75 23.20
C ASN A 180 7.29 16.47 22.85
N LYS A 181 8.23 15.77 22.22
CA LYS A 181 9.45 16.36 21.74
C LYS A 181 9.48 16.84 20.27
N LEU A 182 8.49 16.50 19.43
CA LEU A 182 8.46 16.90 17.99
C LEU A 182 8.54 18.40 17.95
N ASP A 183 9.53 18.88 17.23
CA ASP A 183 9.83 20.29 17.13
C ASP A 183 10.75 20.48 15.94
N PRO A 184 10.28 21.25 14.93
CA PRO A 184 11.13 21.38 13.71
C PRO A 184 12.43 22.03 14.01
N GLU A 185 12.49 22.80 15.09
CA GLU A 185 13.69 23.51 15.50
C GLU A 185 14.70 22.66 16.18
N VAL A 186 14.33 21.45 16.62
CA VAL A 186 15.24 20.56 17.47
C VAL A 186 15.41 19.19 16.91
N ALA A 187 16.65 18.72 16.74
CA ALA A 187 16.86 17.35 16.23
C ALA A 187 16.23 16.33 17.17
N GLN A 188 15.57 15.37 16.54
CA GLN A 188 14.75 14.44 17.28
C GLN A 188 15.51 13.24 17.77
N PRO A 189 15.54 13.03 19.10
CA PRO A 189 16.12 11.76 19.60
C PRO A 189 15.13 10.61 19.42
N MET A 190 15.65 9.45 19.20
CA MET A 190 14.91 8.20 19.28
C MET A 190 14.32 8.09 20.71
N THR A 191 13.10 7.59 20.82
CA THR A 191 12.49 7.37 22.19
C THR A 191 13.43 6.52 23.02
N THR A 192 13.49 6.84 24.32
CA THR A 192 14.16 5.94 25.28
C THR A 192 13.14 5.04 26.05
N ASP A 193 11.90 5.50 26.27
CA ASP A 193 10.92 4.70 27.05
C ASP A 193 10.08 3.73 26.21
N PHE A 194 10.03 3.96 24.88
CA PHE A 194 9.11 3.22 24.01
C PHE A 194 7.67 3.26 24.49
N ALA A 195 7.29 4.31 25.22
CA ALA A 195 5.92 4.46 25.69
C ALA A 195 4.87 4.54 24.58
N GLU A 196 5.26 5.05 23.43
CA GLU A 196 4.37 5.13 22.27
C GLU A 196 4.43 3.90 21.36
N PHE A 197 5.00 2.81 21.82
CA PHE A 197 4.99 1.56 21.06
C PHE A 197 3.83 0.77 21.64
N THR A 198 2.62 1.21 21.27
CA THR A 198 1.37 0.59 21.75
C THR A 198 0.54 0.04 20.59
N PRO A 199 -0.38 -0.87 20.91
CA PRO A 199 -1.25 -1.33 19.84
C PRO A 199 -2.02 -0.18 19.16
N ALA A 200 -2.61 0.73 19.94
CA ALA A 200 -3.42 1.81 19.41
C ALA A 200 -2.58 2.74 18.52
N ILE A 201 -1.34 2.99 18.92
CA ILE A 201 -0.48 3.79 18.09
C ILE A 201 -0.03 3.08 16.81
N TYR A 202 0.39 1.83 16.91
CA TYR A 202 0.68 1.05 15.72
C TYR A 202 -0.53 1.03 14.76
N LYS A 203 -1.69 0.78 15.31
CA LYS A 203 -2.91 0.73 14.47
C LYS A 203 -3.16 2.01 13.71
N ARG A 204 -2.92 3.16 14.36
CA ARG A 204 -3.00 4.48 13.72
C ARG A 204 -1.99 4.56 12.53
N ILE A 205 -0.74 4.14 12.70
CA ILE A 205 0.21 4.22 11.60
C ILE A 205 -0.33 3.41 10.43
N VAL A 206 -0.67 2.15 10.66
CA VAL A 206 -0.94 1.22 9.60
C VAL A 206 -2.27 1.62 8.87
N LYS A 207 -3.24 2.08 9.64
CA LYS A 207 -4.53 2.45 9.09
C LYS A 207 -4.32 3.51 7.97
N TYR A 208 -3.54 4.54 8.28
CA TYR A 208 -3.38 5.72 7.38
C TYR A 208 -2.34 5.43 6.32
N LYS A 209 -1.30 4.75 6.69
CA LYS A 209 -0.17 4.60 5.79
C LYS A 209 -0.43 3.61 4.69
N THR A 210 -1.19 2.52 4.96
CA THR A 210 -1.34 1.44 4.03
C THR A 210 -2.77 1.09 3.69
N THR A 211 -3.66 1.07 4.66
CA THR A 211 -4.98 0.45 4.44
C THR A 211 -5.86 1.19 3.45
N PHE A 212 -5.79 2.47 3.49
CA PHE A 212 -6.55 3.32 2.61
C PHE A 212 -6.21 3.06 1.15
N TYR A 213 -4.94 3.00 0.75
CA TYR A 213 -4.59 2.89 -0.62
C TYR A 213 -4.53 1.48 -1.07
N THR A 214 -4.32 0.54 -0.13
CA THR A 214 -4.12 -0.85 -0.52
C THR A 214 -5.45 -1.59 -0.57
N TYR A 215 -6.35 -1.28 0.35
CA TYR A 215 -7.65 -2.00 0.41
C TYR A 215 -8.89 -1.15 0.21
N LEU A 216 -9.02 -0.01 0.87
CA LEU A 216 -10.22 0.77 0.72
C LEU A 216 -10.39 1.29 -0.73
N LEU A 217 -9.33 1.91 -1.25
CA LEU A 217 -9.40 2.51 -2.61
C LEU A 217 -9.68 1.50 -3.70
N PRO A 218 -9.02 0.30 -3.75
CA PRO A 218 -9.40 -0.58 -4.85
C PRO A 218 -10.85 -1.10 -4.74
N LEU A 219 -11.28 -1.38 -3.53
CA LEU A 219 -12.68 -1.89 -3.38
C LEU A 219 -13.68 -0.77 -3.77
N VAL A 220 -13.55 0.44 -3.25
CA VAL A 220 -14.53 1.52 -3.54
C VAL A 220 -14.42 1.98 -4.98
N MET A 221 -13.19 2.01 -5.54
CA MET A 221 -13.09 2.28 -6.98
C MET A 221 -13.85 1.28 -7.85
N GLY A 222 -13.76 0.00 -7.51
CA GLY A 222 -14.46 -1.04 -8.28
C GLY A 222 -15.95 -0.83 -8.19
N LEU A 223 -16.43 -0.43 -7.03
CA LEU A 223 -17.86 -0.05 -6.83
C LEU A 223 -18.20 1.20 -7.70
N LEU A 224 -17.36 2.23 -7.65
CA LEU A 224 -17.64 3.46 -8.39
C LEU A 224 -17.67 3.25 -9.89
N VAL A 225 -16.73 2.48 -10.48
CA VAL A 225 -16.76 2.28 -11.96
C VAL A 225 -17.92 1.38 -12.35
N SER A 226 -18.43 0.60 -11.41
CA SER A 226 -19.62 -0.29 -11.58
C SER A 226 -20.93 0.47 -11.34
N GLU A 227 -20.88 1.72 -10.93
CA GLU A 227 -22.05 2.47 -10.51
C GLU A 227 -22.88 1.69 -9.51
N ALA A 228 -22.18 1.12 -8.52
CA ALA A 228 -22.76 0.19 -7.60
C ALA A 228 -22.56 0.64 -6.12
N ALA A 229 -22.05 1.83 -5.82
CA ALA A 229 -21.70 2.18 -4.40
C ALA A 229 -22.89 2.17 -3.43
N ALA A 230 -24.07 2.57 -3.91
CA ALA A 230 -25.26 2.55 -3.00
C ALA A 230 -25.76 1.11 -2.69
N SER A 231 -25.27 0.11 -3.44
CA SER A 231 -25.38 -1.32 -3.13
C SER A 231 -24.76 -1.83 -1.80
N VAL A 232 -23.95 -1.02 -1.10
CA VAL A 232 -23.18 -1.47 0.05
C VAL A 232 -23.29 -0.41 1.07
N GLU A 233 -22.99 -0.86 2.27
CA GLU A 233 -22.88 -0.03 3.35
C GLU A 233 -21.41 0.42 3.47
N MET A 234 -21.16 1.70 3.21
CA MET A 234 -19.78 2.19 3.09
C MET A 234 -19.03 2.11 4.47
N ASN A 235 -19.72 2.33 5.59
CA ASN A 235 -19.04 2.06 6.94
C ASN A 235 -18.52 0.62 7.05
N LEU A 236 -19.26 -0.34 6.52
CA LEU A 236 -18.82 -1.74 6.51
C LEU A 236 -17.61 -1.98 5.62
N VAL A 237 -17.62 -1.37 4.43
CA VAL A 237 -16.49 -1.50 3.50
C VAL A 237 -15.24 -0.91 4.16
N GLU A 238 -15.41 0.23 4.80
CA GLU A 238 -14.33 0.83 5.50
C GLU A 238 -13.75 -0.07 6.63
N ARG A 239 -14.64 -0.65 7.45
CA ARG A 239 -14.20 -1.50 8.54
C ARG A 239 -13.50 -2.73 8.04
N VAL A 240 -14.04 -3.37 6.99
CA VAL A 240 -13.31 -4.51 6.49
C VAL A 240 -11.93 -4.25 5.79
N ALA A 241 -11.84 -3.16 5.06
CA ALA A 241 -10.59 -2.68 4.49
C ALA A 241 -9.58 -2.40 5.61
N HIS A 242 -10.00 -1.72 6.66
CA HIS A 242 -9.04 -1.32 7.76
C HIS A 242 -8.57 -2.61 8.49
N LEU A 243 -9.47 -3.55 8.70
CA LEU A 243 -9.09 -4.85 9.27
C LEU A 243 -8.13 -5.71 8.40
N ILE A 244 -8.52 -5.96 7.15
CA ILE A 244 -7.64 -6.72 6.29
C ILE A 244 -6.27 -6.02 6.14
N GLY A 245 -6.33 -4.70 6.04
CA GLY A 245 -5.17 -3.82 5.85
C GLY A 245 -4.16 -3.97 6.99
N GLU A 246 -4.70 -4.03 8.19
CA GLU A 246 -3.89 -4.19 9.41
C GLU A 246 -3.18 -5.55 9.42
N TYR A 247 -3.94 -6.59 9.10
CA TYR A 247 -3.38 -7.90 8.96
C TYR A 247 -2.21 -7.98 7.99
N PHE A 248 -2.42 -7.39 6.80
CA PHE A 248 -1.42 -7.34 5.74
C PHE A 248 -0.13 -6.74 6.30
N GLN A 249 -0.24 -5.63 7.01
CA GLN A 249 1.01 -4.95 7.54
C GLN A 249 1.69 -5.73 8.67
N VAL A 250 0.90 -6.41 9.48
CA VAL A 250 1.47 -7.29 10.49
C VAL A 250 2.25 -8.46 9.86
N GLN A 251 1.76 -9.09 8.79
CA GLN A 251 2.60 -9.99 7.96
C GLN A 251 3.90 -9.35 7.43
N ASP A 252 3.79 -8.15 6.87
CA ASP A 252 4.94 -7.47 6.31
C ASP A 252 5.95 -7.24 7.47
N ASP A 253 5.46 -6.84 8.64
CA ASP A 253 6.36 -6.60 9.79
C ASP A 253 7.10 -7.84 10.23
N VAL A 254 6.39 -8.95 10.27
CA VAL A 254 7.00 -10.18 10.66
C VAL A 254 8.05 -10.64 9.67
N MET A 255 7.68 -10.57 8.39
CA MET A 255 8.65 -10.94 7.35
C MET A 255 9.92 -10.07 7.34
N ASP A 256 9.78 -8.77 7.63
CA ASP A 256 10.92 -7.82 7.58
C ASP A 256 12.05 -8.34 8.49
N CYS A 257 11.64 -8.84 9.66
CA CYS A 257 12.52 -9.50 10.63
C CYS A 257 13.02 -10.89 10.27
N PHE A 258 12.12 -11.80 9.89
CA PHE A 258 12.44 -13.26 9.81
C PHE A 258 12.62 -13.91 8.40
N THR A 259 11.96 -13.39 7.38
CA THR A 259 12.06 -13.93 5.99
C THR A 259 13.43 -13.69 5.37
N PRO A 260 14.08 -14.73 4.83
CA PRO A 260 15.39 -14.52 4.16
C PRO A 260 15.43 -13.31 3.19
N PRO A 261 16.53 -12.50 3.18
CA PRO A 261 16.49 -11.31 2.28
C PRO A 261 16.25 -11.58 0.77
N GLU A 262 16.76 -12.70 0.24
CA GLU A 262 16.61 -13.04 -1.21
C GLU A 262 15.13 -13.33 -1.57
N GLN A 263 14.40 -13.85 -0.57
CA GLN A 263 12.96 -14.15 -0.63
C GLN A 263 12.09 -12.92 -0.31
N LEU A 264 12.60 -12.05 0.58
CA LEU A 264 11.98 -10.73 0.87
C LEU A 264 12.19 -9.70 -0.28
N GLY A 265 13.25 -9.87 -1.09
CA GLY A 265 13.63 -8.87 -2.12
C GLY A 265 14.44 -7.65 -1.63
N LYS A 266 14.78 -7.64 -0.34
CA LYS A 266 15.52 -6.56 0.30
C LYS A 266 16.03 -7.08 1.62
N VAL A 267 17.03 -6.39 2.16
CA VAL A 267 17.55 -6.65 3.54
C VAL A 267 16.62 -5.82 4.46
N GLY A 268 15.86 -6.48 5.36
CA GLY A 268 15.00 -5.75 6.32
C GLY A 268 15.82 -4.94 7.30
N THR A 269 15.42 -3.72 7.60
CA THR A 269 16.10 -2.90 8.58
C THR A 269 15.13 -2.24 9.64
N ASP A 270 13.95 -2.85 9.88
CA ASP A 270 13.00 -2.25 10.85
C ASP A 270 13.56 -2.09 12.29
N ILE A 271 14.42 -3.03 12.66
CA ILE A 271 15.16 -3.05 13.95
C ILE A 271 16.09 -1.85 14.02
N GLU A 272 16.98 -1.75 13.03
CA GLU A 272 17.92 -0.64 12.98
C GLU A 272 17.25 0.68 12.81
N ASP A 273 16.12 0.65 12.12
CA ASP A 273 15.40 1.90 11.90
C ASP A 273 14.50 2.26 13.05
N ALA A 274 14.43 1.38 14.07
CA ALA A 274 13.63 1.60 15.27
C ALA A 274 12.16 1.73 14.86
N LYS A 275 11.74 0.85 13.95
CA LYS A 275 10.33 0.95 13.49
C LYS A 275 9.36 0.42 14.57
N CYS A 276 8.20 1.06 14.64
CA CYS A 276 7.11 0.61 15.51
C CYS A 276 6.43 -0.55 14.81
N SER A 277 7.04 -1.71 14.94
CA SER A 277 6.56 -2.90 14.25
C SER A 277 5.63 -3.71 15.18
N TRP A 278 4.87 -4.62 14.60
CA TRP A 278 4.01 -5.50 15.38
C TRP A 278 4.86 -6.37 16.35
N LEU A 279 6.03 -6.78 15.87
CA LEU A 279 7.03 -7.50 16.72
C LEU A 279 7.44 -6.70 17.95
N ALA A 280 7.85 -5.44 17.76
CA ALA A 280 8.24 -4.61 18.84
C ALA A 280 7.10 -4.41 19.79
N VAL A 281 5.89 -4.07 19.26
CA VAL A 281 4.79 -3.73 20.14
C VAL A 281 4.35 -4.95 20.97
N THR A 282 4.31 -6.09 20.29
CA THR A 282 3.87 -7.36 20.91
C THR A 282 4.87 -7.82 21.97
N PHE A 283 6.16 -7.74 21.61
CA PHE A 283 7.23 -8.05 22.53
C PHE A 283 7.12 -7.21 23.80
N LEU A 284 6.89 -5.92 23.67
CA LEU A 284 6.75 -5.06 24.81
C LEU A 284 5.51 -5.27 25.62
N GLY A 285 4.47 -5.86 25.03
CA GLY A 285 3.27 -6.20 25.75
C GLY A 285 3.40 -7.47 26.58
N LYS A 286 4.55 -8.15 26.53
CA LYS A 286 4.58 -9.39 27.28
C LYS A 286 5.92 -9.62 27.96
N ALA A 287 6.89 -8.75 27.73
CA ALA A 287 8.25 -8.96 28.25
C ALA A 287 8.32 -8.61 29.72
N ASN A 288 9.30 -9.21 30.39
CA ASN A 288 9.51 -8.85 31.77
C ASN A 288 10.49 -7.68 31.81
N ALA A 289 10.79 -7.22 33.01
CA ALA A 289 11.54 -6.00 33.19
C ALA A 289 12.95 -6.11 32.59
N ALA A 290 13.61 -7.24 32.85
CA ALA A 290 14.98 -7.47 32.32
C ALA A 290 15.03 -7.55 30.77
N GLN A 291 13.97 -8.09 30.17
CA GLN A 291 13.90 -8.22 28.70
C GLN A 291 13.57 -6.85 28.05
N VAL A 292 12.80 -6.03 28.75
CA VAL A 292 12.46 -4.69 28.27
C VAL A 292 13.74 -3.90 28.30
N ALA A 293 14.58 -4.07 29.37
CA ALA A 293 15.82 -3.33 29.44
C ALA A 293 16.79 -3.70 28.32
N GLU A 294 16.85 -4.95 28.04
CA GLU A 294 17.74 -5.48 27.04
C GLU A 294 17.26 -4.96 25.68
N PHE A 295 15.95 -4.91 25.46
CA PHE A 295 15.41 -4.38 24.20
C PHE A 295 15.85 -2.94 24.05
N LYS A 296 15.69 -2.14 25.09
CA LYS A 296 16.02 -0.75 25.01
C LYS A 296 17.54 -0.56 24.69
N ALA A 297 18.39 -1.43 25.22
CA ALA A 297 19.88 -1.29 25.02
C ALA A 297 20.32 -1.59 23.60
N ASN A 298 19.48 -2.29 22.83
CA ASN A 298 19.87 -2.83 21.56
C ASN A 298 19.06 -2.35 20.33
N TYR A 299 17.86 -1.81 20.56
CA TYR A 299 16.97 -1.42 19.43
C TYR A 299 17.43 -0.08 18.77
N GLY A 300 17.15 0.04 17.45
CA GLY A 300 17.35 1.26 16.75
C GLY A 300 18.81 1.58 16.46
N GLU A 301 19.64 0.54 16.32
CA GLU A 301 21.11 0.65 16.22
C GLU A 301 21.59 -0.21 15.05
N LYS A 302 22.44 0.34 14.19
CA LYS A 302 22.90 -0.42 12.98
C LYS A 302 23.83 -1.62 13.32
N ASP A 303 24.49 -1.54 14.46
CA ASP A 303 25.37 -2.62 14.94
C ASP A 303 24.70 -4.02 14.82
N PRO A 304 25.22 -4.91 13.95
CA PRO A 304 24.57 -6.22 13.78
C PRO A 304 24.51 -7.06 15.01
N ALA A 305 25.49 -6.87 15.91
CA ALA A 305 25.50 -7.55 17.22
C ALA A 305 24.19 -7.26 18.00
N LYS A 306 23.79 -6.00 18.02
CA LYS A 306 22.62 -5.50 18.75
C LYS A 306 21.30 -5.87 18.10
N VAL A 307 21.28 -5.81 16.76
CA VAL A 307 20.17 -6.33 15.95
C VAL A 307 19.92 -7.81 16.24
N ALA A 308 20.97 -8.61 16.42
CA ALA A 308 20.80 -10.04 16.67
C ALA A 308 20.34 -10.31 18.12
N VAL A 309 20.64 -9.39 19.05
CA VAL A 309 20.08 -9.44 20.40
C VAL A 309 18.57 -9.20 20.32
N VAL A 310 18.15 -8.23 19.51
CA VAL A 310 16.72 -7.96 19.34
C VAL A 310 16.03 -9.21 18.78
N LYS A 311 16.61 -9.83 17.75
CA LYS A 311 15.96 -11.01 17.15
C LYS A 311 15.87 -12.19 18.09
N ARG A 312 16.80 -12.30 19.01
CA ARG A 312 16.73 -13.38 19.99
C ARG A 312 15.70 -13.12 21.07
N LEU A 313 15.53 -11.87 21.47
CA LEU A 313 14.47 -11.51 22.40
C LEU A 313 13.12 -11.82 21.76
N TYR A 314 12.99 -11.51 20.46
CA TYR A 314 11.72 -11.82 19.74
C TYR A 314 11.43 -13.33 19.72
N SER A 315 12.43 -14.12 19.35
CA SER A 315 12.30 -15.58 19.26
C SER A 315 11.92 -16.19 20.61
N LYS A 316 12.70 -15.86 21.66
CA LYS A 316 12.44 -16.35 23.05
C LYS A 316 11.08 -15.99 23.60
N ALA A 317 10.55 -14.83 23.16
CA ALA A 317 9.31 -14.32 23.70
C ALA A 317 8.07 -15.00 23.09
N ASN A 318 8.27 -15.89 22.12
CA ASN A 318 7.24 -16.76 21.57
C ASN A 318 6.14 -15.94 20.89
N LEU A 319 6.56 -14.97 20.09
CA LEU A 319 5.65 -14.10 19.37
C LEU A 319 4.85 -14.86 18.31
N GLN A 320 5.32 -16.03 17.89
CA GLN A 320 4.50 -16.88 17.00
C GLN A 320 3.17 -17.24 17.63
N ALA A 321 3.10 -17.37 18.94
CA ALA A 321 1.82 -17.67 19.61
C ALA A 321 0.92 -16.45 19.59
N ASP A 322 1.51 -15.26 19.76
CA ASP A 322 0.72 -14.05 19.66
C ASP A 322 0.20 -13.90 18.22
N PHE A 323 1.03 -14.23 17.22
CA PHE A 323 0.63 -14.01 15.79
C PHE A 323 -0.55 -14.93 15.45
N ALA A 324 -0.44 -16.20 15.85
CA ALA A 324 -1.51 -17.14 15.64
C ALA A 324 -2.80 -16.71 16.30
N ALA A 325 -2.74 -16.18 17.54
CA ALA A 325 -3.95 -15.68 18.23
C ALA A 325 -4.57 -14.53 17.45
N TYR A 326 -3.70 -13.62 17.00
CA TYR A 326 -4.08 -12.47 16.19
C TYR A 326 -4.73 -12.96 14.90
N GLU A 327 -4.03 -13.87 14.22
CA GLU A 327 -4.45 -14.39 12.91
C GLU A 327 -5.83 -15.04 12.99
N ALA A 328 -6.08 -15.77 14.07
CA ALA A 328 -7.37 -16.42 14.30
C ALA A 328 -8.51 -15.41 14.56
N GLU A 329 -8.19 -14.34 15.31
CA GLU A 329 -9.16 -13.31 15.67
C GLU A 329 -9.56 -12.43 14.45
N VAL A 330 -8.58 -12.05 13.66
CA VAL A 330 -8.81 -11.35 12.36
C VAL A 330 -9.68 -12.22 11.44
N VAL A 331 -9.38 -13.51 11.40
CA VAL A 331 -10.26 -14.41 10.67
C VAL A 331 -11.71 -14.35 11.15
N ARG A 332 -11.94 -14.38 12.48
CA ARG A 332 -13.32 -14.21 13.04
C ARG A 332 -13.97 -12.96 12.57
N GLU A 333 -13.22 -11.90 12.67
CA GLU A 333 -13.75 -10.60 12.39
C GLU A 333 -14.05 -10.36 10.90
N VAL A 334 -13.14 -10.86 10.03
CA VAL A 334 -13.25 -10.71 8.58
C VAL A 334 -14.50 -11.50 8.14
N GLU A 335 -14.64 -12.72 8.63
CA GLU A 335 -15.89 -13.53 8.40
C GLU A 335 -17.17 -12.86 8.83
N SER A 336 -17.13 -12.27 10.02
CA SER A 336 -18.27 -11.50 10.50
C SER A 336 -18.66 -10.38 9.51
N LEU A 337 -17.69 -9.56 9.12
CA LEU A 337 -17.92 -8.45 8.20
C LEU A 337 -18.41 -8.96 6.82
N ILE A 338 -17.86 -10.05 6.33
CA ILE A 338 -18.33 -10.66 5.04
C ILE A 338 -19.81 -11.04 5.11
N GLU A 339 -20.18 -11.65 6.24
CA GLU A 339 -21.57 -11.97 6.52
C GLU A 339 -22.48 -10.79 6.53
N GLN A 340 -22.06 -9.70 7.14
CA GLN A 340 -22.79 -8.49 7.11
C GLN A 340 -22.94 -7.95 5.66
N LEU A 341 -21.88 -8.04 4.87
CA LEU A 341 -21.94 -7.55 3.46
C LEU A 341 -22.84 -8.46 2.58
N LYS A 342 -22.79 -9.78 2.84
CA LYS A 342 -23.60 -10.79 2.06
C LYS A 342 -25.08 -10.50 1.93
N VAL A 343 -25.67 -9.96 3.01
CA VAL A 343 -27.05 -9.49 3.07
C VAL A 343 -27.40 -8.66 1.85
N LYS A 344 -26.75 -7.49 1.71
CA LYS A 344 -26.98 -6.48 0.66
C LYS A 344 -26.39 -6.98 -0.66
N SER A 345 -25.07 -7.18 -0.71
CA SER A 345 -24.44 -7.64 -1.92
C SER A 345 -23.64 -8.89 -1.71
N PRO A 346 -24.22 -10.01 -2.13
CA PRO A 346 -23.43 -11.23 -2.20
C PRO A 346 -22.22 -11.19 -3.13
N THR A 347 -22.42 -10.56 -4.27
CA THR A 347 -21.37 -10.37 -5.27
C THR A 347 -20.17 -9.61 -4.66
N PHE A 348 -20.45 -8.51 -3.99
CA PHE A 348 -19.40 -7.71 -3.38
C PHE A 348 -18.79 -8.45 -2.23
N ALA A 349 -19.65 -9.12 -1.43
CA ALA A 349 -19.05 -9.98 -0.35
C ALA A 349 -18.07 -11.01 -0.87
N GLU A 350 -18.39 -11.66 -1.98
CA GLU A 350 -17.47 -12.65 -2.62
C GLU A 350 -16.16 -11.97 -3.08
N SER A 351 -16.22 -10.71 -3.57
CA SER A 351 -14.99 -10.03 -3.94
C SER A 351 -14.14 -9.76 -2.71
N VAL A 352 -14.78 -9.31 -1.60
CA VAL A 352 -14.05 -9.15 -0.35
C VAL A 352 -13.44 -10.46 0.15
N ALA A 353 -14.18 -11.56 -0.01
CA ALA A 353 -13.67 -12.90 0.37
C ALA A 353 -12.39 -13.27 -0.36
N VAL A 354 -12.36 -12.94 -1.64
CA VAL A 354 -11.24 -13.22 -2.50
C VAL A 354 -10.08 -12.33 -2.09
N VAL A 355 -10.35 -11.05 -1.76
CA VAL A 355 -9.29 -10.13 -1.30
C VAL A 355 -8.67 -10.75 -0.03
N TRP A 356 -9.53 -11.18 0.88
CA TRP A 356 -9.07 -11.74 2.15
C TRP A 356 -8.27 -13.00 1.87
N GLU A 357 -8.73 -13.90 1.00
CA GLU A 357 -7.99 -15.16 0.72
C GLU A 357 -6.59 -14.91 0.18
N LYS A 358 -6.48 -13.99 -0.76
CA LYS A 358 -5.20 -13.58 -1.31
C LYS A 358 -4.27 -12.89 -0.27
N THR A 359 -4.84 -12.18 0.67
CA THR A 359 -4.07 -11.62 1.79
C THR A 359 -3.55 -12.66 2.79
N HIS A 360 -4.47 -13.52 3.20
CA HIS A 360 -4.32 -14.51 4.29
C HIS A 360 -3.33 -15.62 3.91
N LYS A 361 -3.32 -16.07 2.66
CA LYS A 361 -2.39 -17.12 2.22
C LYS A 361 -1.35 -16.66 1.15
N ARG A 362 -0.63 -15.56 1.40
CA ARG A 362 0.40 -15.12 0.43
C ARG A 362 1.85 -15.60 0.72
S SO4 B . 2.03 -5.65 -5.08
O1 SO4 B . 2.99 -6.70 -5.54
O2 SO4 B . 2.52 -4.24 -5.49
O3 SO4 B . 1.97 -5.65 -3.63
O4 SO4 B . 0.71 -6.03 -5.71
S SO4 C . -7.37 15.18 -23.10
O1 SO4 C . -6.39 16.17 -22.57
O2 SO4 C . -6.86 14.46 -24.29
O3 SO4 C . -8.57 15.95 -23.53
O4 SO4 C . -7.73 14.21 -22.09
C ACT D . -18.07 -6.49 14.18
O ACT D . -17.76 -6.96 13.07
OXT ACT D . -19.27 -6.47 14.53
CH3 ACT D . -17.00 -5.91 15.03
ZN ZN E . 9.13 4.44 4.79
ZN ZN F . 7.86 -3.50 6.10
N1 LWD G . -8.28 -10.85 20.58
C4 LWD G . -1.87 -5.53 18.65
C5 LWD G . -0.71 -4.78 18.39
C6 LWD G . -4.18 -6.42 17.89
C7 LWD G . -5.24 -8.25 19.21
C8 LWD G . -6.55 -7.73 19.51
C10 LWD G . -7.25 -10.00 20.10
C13 LWD G . -5.65 -11.87 20.03
C15 LWD G . -7.94 -12.15 20.75
N LWD G . -4.13 -7.42 18.80
C LWD G . -0.55 -4.15 17.17
O LWD G . -5.26 -6.16 17.25
C1 LWD G . -1.55 -4.29 16.22
C11 LWD G . -5.96 -10.49 19.81
C12 LWD G . -4.96 -9.60 19.35
C14 LWD G . -6.64 -12.70 20.51
C2 LWD G . -2.68 -5.03 16.47
C3 LWD G . -2.87 -5.65 17.67
C9 LWD G . -7.54 -8.60 19.93
N1 LWD H . 2.77 -4.91 -21.57
C4 LWD H . 0.58 -13.47 -19.49
C5 LWD H . -0.33 -14.51 -19.27
C6 LWD H . 1.12 -11.05 -19.63
C7 LWD H . 1.23 -8.67 -20.64
C8 LWD H . 0.54 -7.78 -21.53
C10 LWD H . 2.29 -6.14 -21.25
C13 LWD H . 4.16 -6.50 -19.73
C15 LWD H . 3.89 -4.50 -20.99
N LWD H . 0.58 -9.91 -20.32
C LWD H . -1.70 -14.25 -18.97
O LWD H . 2.27 -11.15 -19.27
C1 LWD H . -2.13 -12.94 -18.87
C11 LWD H . 2.96 -6.99 -20.36
C12 LWD H . 2.44 -8.27 -20.06
C14 LWD H . 4.61 -5.27 -20.03
C2 LWD H . -1.22 -11.88 -19.09
C3 LWD H . 0.14 -12.15 -19.40
C9 LWD H . 1.05 -6.56 -21.83
N1 LWD I . -3.23 0.50 -27.95
C4 LWD I . -9.19 -3.33 -22.16
C5 LWD I . -10.41 -3.47 -21.55
C6 LWD I . -7.80 -2.64 -24.16
C7 LWD I . -6.49 -1.03 -25.73
C8 LWD I . -6.68 -0.07 -26.81
C10 LWD I . -4.29 -0.05 -27.26
C13 LWD I . -2.75 -1.41 -25.93
C15 LWD I . -1.99 0.11 -27.61
N LWD I . -7.67 -1.48 -24.95
C LWD I . -11.60 -3.19 -22.27
O LWD I . -6.89 -3.45 -23.96
C1 LWD I . -11.56 -2.75 -23.57
C11 LWD I . -4.10 -1.01 -26.22
C12 LWD I . -5.20 -1.49 -25.46
C14 LWD I . -1.70 -0.85 -26.61
C2 LWD I . -10.34 -2.58 -24.20
C3 LWD I . -9.14 -2.86 -23.51
C9 LWD I . -5.60 0.41 -27.55
#